data_4UIV
#
_entry.id   4UIV
#
_cell.length_a   24.682
_cell.length_b   33.836
_cell.length_c   39.542
_cell.angle_alpha   68.09
_cell.angle_beta   73.70
_cell.angle_gamma   73.35
#
_symmetry.space_group_name_H-M   'P 1'
#
loop_
_entity.id
_entity.type
_entity.pdbx_description
1 polymer 'BROMODOMAIN-CONTAINING PROTEIN 9'
2 non-polymer 1,2-ETHANEDIOL
3 non-polymer N-(1,1-dioxo-1-thian-4-yl)-5-methyl-4-oxo-7-3-(trifluoromethyl)phenyl-4H,5H-thieno-3,2-c-pyridine-2-carboximidamide
4 water water
#
_entity_poly.entity_id   1
_entity_poly.type   'polypeptide(L)'
_entity_poly.pdbx_seq_one_letter_code
;GAENESTPIQQLLEHFLRQLQRKDPHGFFAFPVTDAIAPGYSMIIKHPMDFGTMKDKIVANEYKSVTEFKADFKLMCDNA
MTYNRPDTVYYKLAKKILHAGFKMMS
;
_entity_poly.pdbx_strand_id   A
#
# COMPACT_ATOMS: atom_id res chain seq x y z
N SER A 6 4.91 -4.28 22.19
CA SER A 6 5.08 -4.20 20.70
C SER A 6 6.29 -5.03 20.31
N THR A 7 6.11 -5.92 19.33
CA THR A 7 7.17 -6.86 18.98
C THR A 7 8.21 -6.26 18.01
N PRO A 8 9.38 -6.90 17.86
CA PRO A 8 10.36 -6.48 16.88
C PRO A 8 9.79 -6.38 15.45
N ILE A 9 8.96 -7.33 15.05
CA ILE A 9 8.39 -7.21 13.70
CA ILE A 9 8.33 -7.25 13.71
C ILE A 9 7.47 -6.00 13.62
N GLN A 10 6.67 -5.74 14.67
CA GLN A 10 5.79 -4.57 14.61
C GLN A 10 6.60 -3.29 14.51
N GLN A 11 7.71 -3.25 15.25
CA GLN A 11 8.54 -2.05 15.23
C GLN A 11 9.13 -1.82 13.83
N LEU A 12 9.66 -2.88 13.22
CA LEU A 12 10.28 -2.76 11.89
C LEU A 12 9.23 -2.35 10.86
N LEU A 13 8.07 -3.00 10.92
CA LEU A 13 7.07 -2.73 9.92
C LEU A 13 6.50 -1.30 10.08
N GLU A 14 6.36 -0.85 11.31
CA GLU A 14 5.97 0.55 11.52
C GLU A 14 7.03 1.51 10.93
N HIS A 15 8.29 1.18 11.07
CA HIS A 15 9.37 1.95 10.46
C HIS A 15 9.26 1.99 8.91
N PHE A 16 9.16 0.83 8.28
CA PHE A 16 9.02 0.68 6.85
C PHE A 16 7.78 1.46 6.42
N LEU A 17 6.67 1.29 7.13
CA LEU A 17 5.38 1.96 6.70
C LEU A 17 5.49 3.50 6.71
N ARG A 18 6.15 4.05 7.75
CA ARG A 18 6.41 5.50 7.84
C ARG A 18 7.22 5.93 6.63
N GLN A 19 8.25 5.18 6.30
CA GLN A 19 9.13 5.54 5.20
C GLN A 19 8.39 5.46 3.86
N LEU A 20 7.59 4.43 3.71
CA LEU A 20 6.78 4.33 2.49
C LEU A 20 5.72 5.44 2.34
N GLN A 21 5.04 5.80 3.43
CA GLN A 21 4.03 6.84 3.37
C GLN A 21 4.63 8.18 3.04
N ARG A 22 5.91 8.41 3.41
CA ARG A 22 6.60 9.64 3.05
C ARG A 22 6.71 9.76 1.53
N LYS A 23 6.65 8.64 0.81
CA LYS A 23 6.67 8.69 -0.63
C LYS A 23 5.33 9.03 -1.28
N ASP A 24 4.27 9.14 -0.47
CA ASP A 24 2.91 9.43 -0.98
C ASP A 24 2.39 10.67 -0.23
N PRO A 25 3.00 11.86 -0.51
CA PRO A 25 2.61 13.04 0.26
C PRO A 25 1.18 13.50 0.12
N HIS A 26 0.52 13.20 -0.99
CA HIS A 26 -0.94 13.50 -1.13
C HIS A 26 -1.83 12.57 -0.32
N GLY A 27 -1.28 11.47 0.12
CA GLY A 27 -2.07 10.47 0.78
C GLY A 27 -3.04 9.81 -0.15
N PHE A 28 -2.70 9.62 -1.42
CA PHE A 28 -3.56 8.90 -2.31
C PHE A 28 -3.76 7.43 -1.84
N PHE A 29 -2.74 6.91 -1.19
CA PHE A 29 -2.70 5.51 -0.69
C PHE A 29 -2.98 5.38 0.82
N ALA A 30 -3.43 6.47 1.44
CA ALA A 30 -3.57 6.53 2.93
C ALA A 30 -4.75 5.79 3.44
N PHE A 31 -5.80 5.68 2.63
CA PHE A 31 -7.07 5.11 3.08
C PHE A 31 -7.69 4.28 1.96
N PRO A 32 -8.60 3.36 2.34
CA PRO A 32 -9.28 2.59 1.26
C PRO A 32 -9.87 3.46 0.17
N VAL A 33 -9.67 3.07 -1.10
CA VAL A 33 -10.25 3.77 -2.24
C VAL A 33 -11.78 3.60 -2.22
N THR A 34 -12.51 4.70 -2.26
CA THR A 34 -13.98 4.59 -2.24
C THR A 34 -14.43 4.53 -3.69
N ASP A 35 -15.59 3.96 -3.91
CA ASP A 35 -16.25 4.00 -5.22
C ASP A 35 -16.61 5.43 -5.66
N ALA A 36 -16.94 6.29 -4.72
CA ALA A 36 -17.22 7.71 -5.05
C ALA A 36 -16.03 8.38 -5.74
N ILE A 37 -14.79 8.14 -5.28
CA ILE A 37 -13.59 8.80 -5.90
CA ILE A 37 -13.63 8.80 -5.92
C ILE A 37 -13.08 8.04 -7.13
N ALA A 38 -13.42 6.75 -7.21
CA ALA A 38 -12.94 5.83 -8.24
C ALA A 38 -14.11 4.95 -8.65
N PRO A 39 -14.97 5.45 -9.55
CA PRO A 39 -16.14 4.71 -9.94
C PRO A 39 -15.88 3.24 -10.29
N GLY A 40 -16.74 2.37 -9.75
CA GLY A 40 -16.65 0.98 -10.02
C GLY A 40 -15.49 0.27 -9.37
N TYR A 41 -14.78 0.95 -8.50
CA TYR A 41 -13.55 0.36 -7.98
C TYR A 41 -13.81 -1.05 -7.36
N SER A 42 -14.79 -1.11 -6.47
CA SER A 42 -15.08 -2.32 -5.73
C SER A 42 -15.49 -3.46 -6.67
N MET A 43 -15.89 -3.14 -7.90
CA MET A 43 -16.28 -4.20 -8.82
C MET A 43 -15.12 -4.74 -9.67
N ILE A 44 -14.00 -4.03 -9.60
CA ILE A 44 -12.85 -4.28 -10.46
C ILE A 44 -11.75 -4.90 -9.60
N ILE A 45 -11.53 -4.31 -8.43
CA ILE A 45 -10.42 -4.70 -7.57
C ILE A 45 -10.94 -5.65 -6.48
N LYS A 46 -10.52 -6.90 -6.54
CA LYS A 46 -11.06 -7.90 -5.66
C LYS A 46 -10.54 -7.90 -4.24
N HIS A 47 -9.28 -7.49 -4.07
CA HIS A 47 -8.58 -7.47 -2.80
C HIS A 47 -7.95 -6.09 -2.61
N PRO A 48 -8.76 -5.09 -2.19
CA PRO A 48 -8.28 -3.73 -1.93
CA PRO A 48 -8.30 -3.73 -1.91
C PRO A 48 -7.23 -3.72 -0.80
N MET A 49 -6.28 -2.81 -0.91
CA MET A 49 -5.28 -2.63 0.14
C MET A 49 -4.89 -1.15 0.13
N ASP A 50 -4.48 -0.65 1.30
CA ASP A 50 -4.07 0.74 1.45
C ASP A 50 -3.17 0.80 2.67
N PHE A 51 -2.42 1.88 2.81
CA PHE A 51 -1.52 2.05 3.94
C PHE A 51 -2.25 2.08 5.27
N GLY A 52 -3.48 2.62 5.28
CA GLY A 52 -4.20 2.75 6.55
C GLY A 52 -4.60 1.39 7.07
N THR A 53 -5.04 0.53 6.18
CA THR A 53 -5.30 -0.90 6.47
C THR A 53 -4.02 -1.63 6.92
N MET A 54 -2.91 -1.40 6.22
CA MET A 54 -1.62 -1.96 6.65
C MET A 54 -1.24 -1.56 8.08
N LYS A 55 -1.42 -0.30 8.42
CA LYS A 55 -1.20 0.15 9.80
C LYS A 55 -2.05 -0.57 10.81
N ASP A 56 -3.35 -0.72 10.52
CA ASP A 56 -4.25 -1.46 11.38
C ASP A 56 -3.81 -2.92 11.55
N LYS A 57 -3.32 -3.53 10.47
CA LYS A 57 -2.85 -4.91 10.51
C LYS A 57 -1.57 -5.00 11.36
N ILE A 58 -0.65 -4.05 11.24
CA ILE A 58 0.53 -4.02 12.14
C ILE A 58 0.10 -3.91 13.61
N VAL A 59 -0.78 -2.97 13.92
CA VAL A 59 -1.22 -2.73 15.31
C VAL A 59 -1.88 -3.96 15.90
N ALA A 60 -2.64 -4.66 15.06
CA ALA A 60 -3.35 -5.89 15.41
C ALA A 60 -2.43 -7.11 15.45
N ASN A 61 -1.16 -6.90 15.11
CA ASN A 61 -0.13 -7.95 15.05
C ASN A 61 -0.48 -9.09 14.07
N GLU A 62 -1.08 -8.70 12.95
CA GLU A 62 -1.48 -9.65 11.94
C GLU A 62 -0.38 -10.03 10.96
N TYR A 63 0.66 -9.20 10.81
CA TYR A 63 1.84 -9.59 10.02
C TYR A 63 2.83 -10.36 10.82
N LYS A 64 3.18 -11.56 10.38
CA LYS A 64 4.19 -12.33 11.08
C LYS A 64 5.51 -12.41 10.35
N SER A 65 5.60 -11.80 9.17
CA SER A 65 6.86 -11.72 8.47
C SER A 65 6.87 -10.44 7.65
N VAL A 66 8.11 -10.00 7.34
CA VAL A 66 8.33 -8.87 6.44
C VAL A 66 7.78 -9.24 5.05
N THR A 67 7.92 -10.51 4.64
CA THR A 67 7.32 -10.97 3.37
C THR A 67 5.85 -10.67 3.22
N GLU A 68 5.08 -10.95 4.28
CA GLU A 68 3.64 -10.68 4.29
C GLU A 68 3.30 -9.20 4.11
N PHE A 69 4.05 -8.37 4.77
CA PHE A 69 3.91 -6.89 4.67
C PHE A 69 4.23 -6.46 3.24
N LYS A 70 5.34 -6.95 2.71
CA LYS A 70 5.73 -6.63 1.33
C LYS A 70 4.64 -7.00 0.36
N ALA A 71 4.01 -8.15 0.60
CA ALA A 71 2.97 -8.66 -0.31
C ALA A 71 1.76 -7.71 -0.29
N ASP A 72 1.42 -7.16 0.89
CA ASP A 72 0.31 -6.22 0.95
C ASP A 72 0.67 -4.95 0.23
N PHE A 73 1.89 -4.49 0.46
CA PHE A 73 2.37 -3.29 -0.24
C PHE A 73 2.30 -3.46 -1.77
N LYS A 74 2.75 -4.60 -2.26
CA LYS A 74 2.72 -4.86 -3.70
C LYS A 74 1.28 -4.93 -4.20
N LEU A 75 0.39 -5.59 -3.42
CA LEU A 75 -1.01 -5.67 -3.75
C LEU A 75 -1.59 -4.26 -3.98
N MET A 76 -1.32 -3.37 -3.05
CA MET A 76 -1.80 -1.98 -3.11
CA MET A 76 -1.88 -2.04 -3.15
C MET A 76 -1.37 -1.33 -4.41
N CYS A 77 -0.10 -1.50 -4.72
CA CYS A 77 0.45 -0.89 -5.94
C CYS A 77 -0.08 -1.56 -7.20
N ASP A 78 -0.24 -2.89 -7.16
CA ASP A 78 -0.74 -3.62 -8.33
C ASP A 78 -2.18 -3.22 -8.56
N ASN A 79 -2.95 -2.98 -7.48
CA ASN A 79 -4.35 -2.57 -7.64
C ASN A 79 -4.42 -1.25 -8.39
N ALA A 80 -3.55 -0.32 -8.06
CA ALA A 80 -3.56 1.01 -8.68
C ALA A 80 -3.16 0.89 -10.15
N MET A 81 -2.27 -0.06 -10.42
CA MET A 81 -1.81 -0.24 -11.82
C MET A 81 -2.80 -1.00 -12.66
N THR A 82 -3.74 -1.70 -12.01
CA THR A 82 -4.76 -2.45 -12.68
C THR A 82 -5.94 -1.54 -13.00
N TYR A 83 -6.31 -0.71 -12.01
CA TYR A 83 -7.50 0.13 -12.08
C TYR A 83 -7.30 1.37 -12.94
N ASN A 84 -6.10 1.94 -12.90
CA ASN A 84 -5.79 3.21 -13.55
C ASN A 84 -5.07 2.99 -14.87
N ARG A 85 -5.25 3.92 -15.79
CA ARG A 85 -4.50 3.89 -17.04
C ARG A 85 -3.07 4.33 -16.74
N PRO A 86 -2.10 3.92 -17.59
CA PRO A 86 -0.71 4.28 -17.37
C PRO A 86 -0.39 5.78 -17.32
N ASP A 87 -1.21 6.61 -17.99
CA ASP A 87 -0.96 8.06 -18.06
C ASP A 87 -1.46 8.87 -16.84
N THR A 88 -1.74 8.19 -15.73
CA THR A 88 -2.35 8.80 -14.54
C THR A 88 -1.33 8.95 -13.42
N VAL A 89 -1.54 9.96 -12.54
CA VAL A 89 -0.65 10.17 -11.39
C VAL A 89 -0.62 8.90 -10.52
N TYR A 90 -1.79 8.27 -10.42
CA TYR A 90 -1.91 7.08 -9.52
C TYR A 90 -1.11 5.85 -9.98
N TYR A 91 -1.22 5.54 -11.26
CA TYR A 91 -0.43 4.47 -11.87
C TYR A 91 1.07 4.80 -11.75
N LYS A 92 1.50 6.03 -12.10
CA LYS A 92 2.89 6.36 -12.06
C LYS A 92 3.46 6.34 -10.67
N LEU A 93 2.69 6.85 -9.70
CA LEU A 93 3.12 6.87 -8.32
C LEU A 93 3.25 5.43 -7.78
N ALA A 94 2.22 4.64 -8.07
CA ALA A 94 2.22 3.20 -7.67
C ALA A 94 3.46 2.49 -8.19
N LYS A 95 3.75 2.65 -9.49
CA LYS A 95 4.92 2.01 -10.05
C LYS A 95 6.21 2.49 -9.41
N LYS A 96 6.33 3.79 -9.19
CA LYS A 96 7.49 4.36 -8.56
C LYS A 96 7.72 3.86 -7.15
N ILE A 97 6.66 3.87 -6.33
CA ILE A 97 6.80 3.55 -4.95
C ILE A 97 6.96 2.03 -4.78
N LEU A 98 6.36 1.24 -5.67
CA LEU A 98 6.60 -0.18 -5.66
C LEU A 98 8.10 -0.50 -5.71
N HIS A 99 8.78 0.02 -6.72
CA HIS A 99 10.20 -0.31 -6.87
C HIS A 99 11.06 0.29 -5.77
N ALA A 100 10.83 1.57 -5.46
CA ALA A 100 11.57 2.26 -4.37
C ALA A 100 11.35 1.61 -3.01
N GLY A 101 10.08 1.32 -2.72
CA GLY A 101 9.70 0.58 -1.52
C GLY A 101 10.37 -0.77 -1.35
N PHE A 102 10.38 -1.61 -2.40
CA PHE A 102 10.98 -2.91 -2.33
C PHE A 102 12.50 -2.76 -2.14
N LYS A 103 13.09 -1.80 -2.82
CA LYS A 103 14.55 -1.57 -2.61
C LYS A 103 14.83 -1.14 -1.16
N MET A 104 14.03 -0.16 -0.71
CA MET A 104 14.14 0.45 0.62
CA MET A 104 14.16 0.44 0.62
C MET A 104 14.15 -0.63 1.70
N MET A 105 13.28 -1.62 1.51
CA MET A 105 13.06 -2.75 2.40
C MET A 105 14.02 -3.93 2.12
N SER A 106 14.94 -3.72 1.16
CA SER A 106 15.95 -4.70 0.68
C SER A 106 15.41 -6.12 0.42
#